data_2RFK
#
_entry.id   2RFK
#
_cell.length_a   96.561
_cell.length_b   96.561
_cell.length_c   240.978
_cell.angle_alpha   90.00
_cell.angle_beta   90.00
_cell.angle_gamma   90.00
#
_symmetry.space_group_name_H-M   'P 41 21 2'
#
loop_
_entity.id
_entity.type
_entity.pdbx_description
1 polymer 'guide RNA 1'
2 polymer 'guide RNA 2'
3 polymer 'target RNA'
4 polymer 'Probable tRNA pseudouridine synthase B'
5 polymer 'Ribosome biogenesis protein Nop10'
6 polymer 'Small nucleolar rnp similar to gar1'
7 non-polymer 'ZINC ION'
#
loop_
_entity_poly.entity_id
_entity_poly.type
_entity_poly.pdbx_seq_one_letter_code
_entity_poly.pdbx_strand_id
1 'polyribonucleotide' GGGCUCCGGAAACCGCGGCGC D
2 'polyribonucleotide' GCGCUUCGCUCCCGGAGCCCACACUA E
3 'polyribonucleotide' GGAGCGUGCGGUUU F
4 'polypeptide(L)'
;EVRRILPADIKREVLIKDENAETNPDWGFPPEKRPIEMHIQFGVINLDKPPGPTSHEVVAWIKKILNLEKAGHGGTLAPK
VSGVLPVALEKATRVVQALLPAGKEYVALMHLHGDVPEDKIIQVMKEFEGEIIQRPPLRSAVKRRLRTRKVYYIEVLEIE
GRDVLFRVGVEAGTYIRSLIHHIGLALGVGAHMSELRRTRSGPFKEDETLITLHDLVDYYYFWKEDGIEEYFRKAIQPME
KAVEHLPKVWIKDSAVAAVTHGADLAVPGIAKLHAGIKRGDLVAIMTLKDELVALGKAMMTSQEMLEKTKGIAVDVEKVF
MPRDWYPKLWEKRD
;
A
5 'polypeptide(L)' FRIRKCPKCGRYTLKEVCPVCGEKTKVAHPPRFSPEDPYGEYRRRWKREVLGI B
6 'polypeptide(L)' MKRLGKVLHYAKQGFLIVRTNWVPSLNDRVVDKRLQFVGIVKDVFGPVKMPYVAIKPKVSNPEIYVGEVLYVDE C
#
loop_
_chem_comp.id
_chem_comp.type
_chem_comp.name
_chem_comp.formula
A RNA linking ADENOSINE-5'-MONOPHOSPHATE 'C10 H14 N5 O7 P'
C RNA linking CYTIDINE-5'-MONOPHOSPHATE 'C9 H14 N3 O8 P'
G RNA linking GUANOSINE-5'-MONOPHOSPHATE 'C10 H14 N5 O8 P'
U RNA linking URIDINE-5'-MONOPHOSPHATE 'C9 H13 N2 O9 P'
ZN non-polymer 'ZINC ION' 'Zn 2'
#
# COMPACT_ATOMS: atom_id res chain seq x y z
N GLU D 1 -8.76 20.53 -6.22
CA GLU D 1 -9.64 19.36 -5.96
C GLU D 1 -8.84 18.16 -5.40
N VAL D 2 -7.74 17.82 -6.07
CA VAL D 2 -6.85 16.70 -5.67
C VAL D 2 -5.37 16.87 -6.06
N ARG D 3 -4.49 16.29 -5.22
CA ARG D 3 -3.06 16.09 -5.52
C ARG D 3 -2.69 14.64 -5.21
N ARG D 4 -3.69 13.83 -4.82
CA ARG D 4 -3.49 12.45 -4.30
C ARG D 4 -4.16 11.31 -5.10
N ILE D 5 -3.58 10.97 -6.25
CA ILE D 5 -4.12 9.90 -7.13
C ILE D 5 -3.03 8.91 -7.58
N LEU D 6 -3.23 7.63 -7.25
CA LEU D 6 -2.29 6.53 -7.52
C LEU D 6 -2.69 5.70 -8.77
N PRO D 7 -1.91 4.65 -9.11
CA PRO D 7 -2.31 3.89 -10.32
C PRO D 7 -3.57 3.06 -10.07
N ALA D 8 -3.73 2.58 -8.84
CA ALA D 8 -4.94 1.88 -8.42
C ALA D 8 -6.20 2.70 -8.68
N ASP D 9 -6.11 4.01 -8.46
CA ASP D 9 -7.24 4.93 -8.61
C ASP D 9 -7.86 4.95 -10.01
N ILE D 10 -7.01 5.09 -11.02
CA ILE D 10 -7.46 5.32 -12.40
C ILE D 10 -8.72 4.53 -12.78
N LYS D 11 -9.78 5.25 -13.13
CA LYS D 11 -11.06 4.62 -13.44
C LYS D 11 -11.09 4.00 -14.82
N ARG D 12 -11.30 2.68 -14.86
CA ARG D 12 -11.19 1.90 -16.08
C ARG D 12 -12.56 1.54 -16.65
N GLU D 13 -12.73 1.81 -17.94
CA GLU D 13 -14.02 1.73 -18.63
C GLU D 13 -14.55 0.31 -18.73
N VAL D 14 -15.85 0.17 -18.58
CA VAL D 14 -16.51 -1.10 -18.83
C VAL D 14 -16.80 -1.22 -20.33
N LEU D 15 -16.40 -2.34 -20.91
CA LEU D 15 -16.77 -2.64 -22.27
C LEU D 15 -17.65 -3.87 -22.24
N ILE D 16 -18.78 -3.77 -22.91
CA ILE D 16 -19.82 -4.78 -22.87
C ILE D 16 -19.70 -5.74 -24.04
N LYS D 17 -19.68 -7.03 -23.75
CA LYS D 17 -19.53 -8.05 -24.78
C LYS D 17 -20.92 -8.56 -25.20
N ASP D 18 -21.70 -9.06 -24.25
CA ASP D 18 -23.09 -9.41 -24.52
C ASP D 18 -24.02 -8.45 -23.82
N GLU D 19 -24.80 -7.72 -24.61
CA GLU D 19 -25.73 -6.72 -24.09
C GLU D 19 -26.80 -7.36 -23.20
N ASN D 20 -27.30 -8.52 -23.60
CA ASN D 20 -28.48 -9.16 -23.00
C ASN D 20 -28.23 -9.96 -21.72
N ALA D 21 -27.06 -10.59 -21.63
CA ALA D 21 -26.75 -11.51 -20.55
C ALA D 21 -27.25 -11.00 -19.21
N GLU D 22 -27.89 -11.88 -18.45
CA GLU D 22 -28.47 -11.49 -17.18
C GLU D 22 -28.47 -12.61 -16.14
N THR D 23 -28.34 -12.23 -14.88
CA THR D 23 -28.11 -13.18 -13.80
C THR D 23 -29.37 -13.59 -13.04
N ASN D 24 -29.58 -14.90 -12.95
CA ASN D 24 -30.69 -15.43 -12.18
C ASN D 24 -30.40 -15.23 -10.69
N PRO D 25 -31.32 -14.56 -9.96
CA PRO D 25 -31.07 -14.17 -8.59
C PRO D 25 -30.91 -15.37 -7.66
N ASP D 26 -31.37 -16.53 -8.10
CA ASP D 26 -31.46 -17.71 -7.26
C ASP D 26 -30.13 -18.34 -6.88
N TRP D 27 -29.17 -18.33 -7.79
CA TRP D 27 -27.89 -18.93 -7.50
C TRP D 27 -26.93 -17.89 -6.93
N GLY D 28 -25.99 -18.35 -6.11
CA GLY D 28 -24.95 -17.50 -5.54
C GLY D 28 -25.40 -16.60 -4.41
N PHE D 29 -24.51 -15.72 -3.97
CA PHE D 29 -24.77 -14.79 -2.87
C PHE D 29 -24.11 -13.43 -3.11
N PRO D 30 -24.92 -12.41 -3.46
CA PRO D 30 -24.33 -11.09 -3.67
C PRO D 30 -23.64 -10.64 -2.39
N PRO D 31 -22.40 -10.15 -2.52
CA PRO D 31 -21.60 -9.78 -1.37
C PRO D 31 -22.46 -9.27 -0.20
N GLU D 32 -22.68 -7.97 -0.15
CA GLU D 32 -23.33 -7.31 0.99
C GLU D 32 -24.76 -7.79 1.26
N LYS D 33 -25.04 -9.02 0.87
CA LYS D 33 -26.33 -9.65 1.08
C LYS D 33 -26.15 -11.16 1.22
N ARG D 34 -25.25 -11.57 2.14
CA ARG D 34 -25.03 -12.99 2.43
C ARG D 34 -24.90 -13.26 3.93
N PRO D 35 -25.45 -14.40 4.40
CA PRO D 35 -25.55 -14.72 5.83
C PRO D 35 -24.28 -14.43 6.58
N ILE D 36 -24.45 -13.91 7.78
CA ILE D 36 -23.33 -13.49 8.60
C ILE D 36 -22.16 -14.47 8.51
N GLU D 37 -22.40 -15.78 8.69
CA GLU D 37 -21.31 -16.77 8.73
C GLU D 37 -20.55 -16.88 7.41
N MET D 38 -21.30 -16.85 6.32
CA MET D 38 -20.75 -16.91 4.99
C MET D 38 -20.08 -15.60 4.69
N HIS D 39 -20.59 -14.52 5.27
CA HIS D 39 -20.00 -13.21 5.10
C HIS D 39 -18.60 -13.20 5.73
N ILE D 40 -18.48 -13.85 6.88
CA ILE D 40 -17.21 -14.03 7.53
C ILE D 40 -16.31 -14.92 6.69
N GLN D 41 -16.91 -15.96 6.12
CA GLN D 41 -16.15 -16.98 5.43
C GLN D 41 -15.31 -16.41 4.32
N PHE D 42 -15.82 -15.34 3.70
CA PHE D 42 -15.23 -14.77 2.50
C PHE D 42 -14.97 -13.28 2.64
N GLY D 43 -14.58 -12.86 3.83
CA GLY D 43 -14.49 -11.44 4.16
C GLY D 43 -13.11 -10.98 4.56
N VAL D 44 -12.90 -9.66 4.52
CA VAL D 44 -11.60 -9.07 4.86
C VAL D 44 -11.78 -7.91 5.83
N ILE D 45 -10.97 -7.92 6.89
CA ILE D 45 -11.02 -6.86 7.89
C ILE D 45 -10.07 -5.73 7.57
N ASN D 46 -10.63 -4.54 7.36
CA ASN D 46 -9.78 -3.37 7.24
C ASN D 46 -9.45 -2.89 8.64
N LEU D 47 -8.29 -3.32 9.12
CA LEU D 47 -7.94 -3.07 10.51
C LEU D 47 -7.03 -1.90 10.64
N ASP D 48 -7.27 -1.12 11.69
CA ASP D 48 -6.30 -0.15 12.15
C ASP D 48 -5.41 -0.78 13.20
N LYS D 49 -4.29 -1.30 12.71
CA LYS D 49 -3.29 -1.94 13.51
C LYS D 49 -2.79 -0.93 14.51
N PRO D 50 -2.56 -1.36 15.78
CA PRO D 50 -1.93 -0.46 16.76
C PRO D 50 -0.38 -0.62 16.72
N PRO D 51 0.36 0.35 17.27
CA PRO D 51 1.76 0.08 17.40
C PRO D 51 1.99 -0.92 18.53
N GLY D 52 3.17 -1.56 18.53
CA GLY D 52 3.53 -2.50 19.58
C GLY D 52 3.76 -3.91 19.06
N PRO D 53 2.69 -4.61 18.68
CA PRO D 53 2.87 -6.00 18.29
C PRO D 53 3.23 -6.11 16.81
N THR D 54 3.72 -7.27 16.39
CA THR D 54 4.07 -7.49 14.98
C THR D 54 2.79 -7.72 14.21
N SER D 55 2.88 -7.50 12.90
CA SER D 55 1.71 -7.60 12.03
C SER D 55 0.93 -8.90 12.17
N HIS D 56 1.65 -10.01 12.43
CA HIS D 56 1.00 -11.31 12.47
C HIS D 56 0.38 -11.66 13.80
N GLU D 57 1.03 -11.25 14.88
CA GLU D 57 0.51 -11.48 16.22
C GLU D 57 -0.93 -11.01 16.23
N VAL D 58 -1.11 -9.80 15.70
CA VAL D 58 -2.40 -9.14 15.62
C VAL D 58 -3.36 -10.08 14.93
N VAL D 59 -2.93 -10.57 13.80
CA VAL D 59 -3.73 -11.50 13.04
C VAL D 59 -4.02 -12.65 13.97
N ALA D 60 -2.96 -13.34 14.39
CA ALA D 60 -3.07 -14.46 15.30
C ALA D 60 -4.15 -14.18 16.33
N TRP D 61 -4.10 -13.02 16.97
CA TRP D 61 -5.11 -12.70 17.98
C TRP D 61 -6.51 -12.79 17.45
N ILE D 62 -6.75 -12.11 16.31
CA ILE D 62 -8.07 -12.05 15.66
C ILE D 62 -8.60 -13.44 15.40
N LYS D 63 -7.77 -14.25 14.78
CA LYS D 63 -8.06 -15.66 14.56
C LYS D 63 -8.54 -16.27 15.86
N LYS D 64 -7.72 -16.14 16.91
CA LYS D 64 -8.03 -16.76 18.19
C LYS D 64 -9.37 -16.28 18.70
N ILE D 65 -9.55 -14.97 18.75
CA ILE D 65 -10.68 -14.41 19.46
C ILE D 65 -11.97 -14.66 18.74
N LEU D 66 -11.91 -14.65 17.41
CA LEU D 66 -13.12 -14.83 16.60
C LEU D 66 -13.42 -16.31 16.36
N ASN D 67 -12.58 -17.16 16.90
CA ASN D 67 -12.67 -18.60 16.70
C ASN D 67 -12.64 -19.10 15.26
N LEU D 68 -11.94 -18.36 14.41
CA LEU D 68 -11.71 -18.75 13.01
C LEU D 68 -10.78 -19.96 12.92
N GLU D 69 -10.77 -20.59 11.74
CA GLU D 69 -9.83 -21.68 11.50
C GLU D 69 -8.55 -21.21 10.80
N LYS D 70 -8.63 -20.04 10.17
CA LYS D 70 -7.52 -19.50 9.38
C LYS D 70 -7.68 -17.99 9.24
N ALA D 71 -6.55 -17.27 9.18
CA ALA D 71 -6.51 -15.85 8.84
C ALA D 71 -5.12 -15.47 8.32
N GLY D 72 -4.98 -14.27 7.78
CA GLY D 72 -3.70 -13.85 7.27
C GLY D 72 -3.76 -12.44 6.75
N HIS D 73 -2.60 -11.83 6.56
CA HIS D 73 -2.51 -10.42 6.13
C HIS D 73 -1.63 -10.23 4.92
N GLY D 74 -1.94 -9.19 4.16
CA GLY D 74 -1.11 -8.82 3.01
C GLY D 74 -0.34 -7.53 3.25
N GLY D 75 0.98 -7.65 3.23
CA GLY D 75 1.88 -6.52 3.44
C GLY D 75 2.08 -6.28 4.92
N THR D 76 3.20 -6.76 5.45
CA THR D 76 3.43 -6.63 6.86
C THR D 76 4.02 -5.27 7.25
N LEU D 77 3.56 -4.75 8.38
CA LEU D 77 4.05 -3.50 8.96
C LEU D 77 4.94 -3.77 10.17
N ALA D 78 5.93 -2.90 10.39
CA ALA D 78 6.78 -3.03 11.56
C ALA D 78 5.97 -2.78 12.83
N PRO D 79 6.35 -3.45 13.92
CA PRO D 79 5.54 -3.48 15.13
C PRO D 79 5.22 -2.07 15.64
N LYS D 80 6.17 -1.15 15.50
CA LYS D 80 5.97 0.24 15.92
C LYS D 80 5.02 1.01 15.00
N VAL D 81 4.94 0.60 13.73
CA VAL D 81 4.03 1.25 12.78
C VAL D 81 2.59 0.82 13.04
N SER D 82 1.68 1.78 12.99
CA SER D 82 0.26 1.53 13.11
C SER D 82 -0.37 1.93 11.77
N GLY D 83 -1.69 1.81 11.67
CA GLY D 83 -2.41 2.21 10.47
C GLY D 83 -3.04 1.07 9.68
N VAL D 84 -3.51 1.42 8.49
CA VAL D 84 -4.31 0.52 7.65
C VAL D 84 -3.62 -0.78 7.35
N LEU D 85 -4.16 -1.85 7.91
CA LEU D 85 -3.68 -3.19 7.60
C LEU D 85 -4.85 -4.12 7.37
N PRO D 86 -5.04 -4.56 6.12
CA PRO D 86 -6.14 -5.46 5.81
C PRO D 86 -5.84 -6.88 6.20
N VAL D 87 -6.80 -7.50 6.88
CA VAL D 87 -6.67 -8.84 7.40
C VAL D 87 -7.70 -9.72 6.73
N ALA D 88 -7.24 -10.72 6.00
CA ALA D 88 -8.13 -11.60 5.22
C ALA D 88 -8.48 -12.88 5.97
N LEU D 89 -9.75 -13.29 5.84
CA LEU D 89 -10.28 -14.37 6.66
C LEU D 89 -10.68 -15.65 5.94
N GLU D 90 -10.46 -16.77 6.62
CA GLU D 90 -10.98 -18.08 6.21
C GLU D 90 -10.74 -18.39 4.74
N LYS D 91 -11.82 -18.49 3.99
CA LYS D 91 -11.72 -18.89 2.61
C LYS D 91 -11.13 -17.76 1.80
N ALA D 92 -11.08 -16.58 2.39
CA ALA D 92 -10.58 -15.44 1.67
C ALA D 92 -9.06 -15.25 1.72
N THR D 93 -8.34 -15.94 2.61
CA THR D 93 -6.93 -15.55 2.87
C THR D 93 -6.04 -15.29 1.63
N ARG D 94 -6.15 -16.13 0.61
CA ARG D 94 -5.29 -15.98 -0.54
C ARG D 94 -5.44 -14.67 -1.31
N VAL D 95 -6.51 -13.92 -1.08
CA VAL D 95 -6.75 -12.71 -1.89
C VAL D 95 -5.60 -11.75 -1.77
N VAL D 96 -5.15 -11.62 -0.53
CA VAL D 96 -3.95 -10.91 -0.15
C VAL D 96 -2.96 -10.62 -1.29
N GLN D 97 -2.60 -11.65 -2.06
CA GLN D 97 -1.84 -11.49 -3.30
C GLN D 97 -2.09 -10.11 -3.91
N ALA D 98 -3.32 -9.92 -4.40
CA ALA D 98 -3.81 -8.67 -5.02
C ALA D 98 -3.20 -7.38 -4.51
N LEU D 99 -2.94 -7.34 -3.21
CA LEU D 99 -2.56 -6.13 -2.46
C LEU D 99 -1.07 -5.83 -2.48
N LEU D 100 -0.27 -6.89 -2.62
CA LEU D 100 1.18 -6.74 -2.60
C LEU D 100 1.71 -5.78 -3.67
N PRO D 101 1.22 -5.91 -4.92
CA PRO D 101 1.74 -4.97 -5.92
C PRO D 101 1.14 -3.57 -5.78
N ALA D 102 0.05 -3.49 -5.02
CA ALA D 102 -0.77 -2.28 -4.96
C ALA D 102 -0.08 -1.15 -4.18
N GLY D 103 -0.45 0.07 -4.55
CA GLY D 103 0.20 1.29 -4.07
C GLY D 103 -0.09 1.63 -2.62
N LYS D 104 0.89 2.27 -1.99
CA LYS D 104 0.83 2.60 -0.57
C LYS D 104 0.80 4.10 -0.35
N GLU D 105 0.20 4.51 0.76
CA GLU D 105 0.15 5.91 1.14
C GLU D 105 0.31 6.00 2.65
N TYR D 106 1.05 7.02 3.09
CA TYR D 106 1.59 7.05 4.42
C TYR D 106 1.53 8.43 5.03
N VAL D 107 1.73 8.48 6.34
CA VAL D 107 1.91 9.73 7.07
C VAL D 107 3.11 9.48 7.94
N ALA D 108 3.99 10.47 7.97
CA ALA D 108 5.30 10.24 8.54
C ALA D 108 5.81 11.46 9.28
N LEU D 109 6.49 11.20 10.40
CA LEU D 109 7.21 12.24 11.12
C LEU D 109 8.73 12.11 10.94
N MET D 110 9.33 13.16 10.40
CA MET D 110 10.76 13.16 10.12
C MET D 110 11.52 14.00 11.12
N HIS D 111 12.32 13.36 11.98
CA HIS D 111 13.17 14.15 12.83
C HIS D 111 14.53 14.42 12.20
N LEU D 112 14.99 15.66 12.37
CA LEU D 112 16.23 16.09 11.79
C LEU D 112 17.33 16.17 12.84
N HIS D 113 18.56 15.96 12.37
CA HIS D 113 19.74 16.09 13.22
C HIS D 113 20.45 17.39 12.88
N GLY D 114 19.71 18.50 12.93
CA GLY D 114 20.28 19.81 12.57
C GLY D 114 19.26 20.75 11.95
N ASP D 115 19.49 22.05 12.14
CA ASP D 115 18.50 23.04 11.73
C ASP D 115 18.72 23.51 10.32
N VAL D 116 17.77 23.16 9.46
CA VAL D 116 17.76 23.67 8.11
C VAL D 116 16.62 24.68 8.03
N PRO D 117 16.88 25.84 7.43
CA PRO D 117 15.83 26.81 7.11
C PRO D 117 14.61 26.12 6.50
N GLU D 118 13.42 26.52 6.94
CA GLU D 118 12.15 25.91 6.52
C GLU D 118 11.90 26.01 5.01
N ASP D 119 12.11 27.20 4.46
CA ASP D 119 11.89 27.49 3.03
C ASP D 119 12.60 26.50 2.10
N LYS D 120 13.82 26.11 2.47
CA LYS D 120 14.66 25.23 1.64
C LYS D 120 14.33 23.76 1.86
N ILE D 121 13.67 23.46 2.97
CA ILE D 121 13.26 22.09 3.25
C ILE D 121 12.16 21.63 2.29
N ILE D 122 11.05 22.38 2.23
CA ILE D 122 9.96 22.07 1.28
C ILE D 122 10.39 22.19 -0.20
N GLN D 123 11.67 22.43 -0.43
CA GLN D 123 12.20 22.53 -1.78
C GLN D 123 12.95 21.26 -2.17
N VAL D 124 13.76 20.76 -1.25
CA VAL D 124 14.48 19.51 -1.42
C VAL D 124 13.51 18.34 -1.28
N MET D 125 12.43 18.57 -0.53
CA MET D 125 11.33 17.61 -0.42
C MET D 125 10.70 17.40 -1.79
N LYS D 126 10.35 18.52 -2.43
CA LYS D 126 9.75 18.53 -3.76
C LYS D 126 10.49 17.61 -4.71
N GLU D 127 11.79 17.84 -4.88
CA GLU D 127 12.54 17.18 -5.94
C GLU D 127 12.50 15.64 -5.85
N PHE D 128 12.14 15.13 -4.68
CA PHE D 128 11.87 13.69 -4.50
C PHE D 128 10.50 13.20 -5.02
N GLU D 129 9.84 14.02 -5.84
CA GLU D 129 8.56 13.68 -6.45
C GLU D 129 8.77 13.18 -7.88
N GLY D 130 8.37 11.94 -8.13
CA GLY D 130 8.56 11.31 -9.44
C GLY D 130 9.42 10.05 -9.39
N GLU D 131 10.12 9.78 -10.49
CA GLU D 131 10.94 8.57 -10.60
C GLU D 131 12.23 8.69 -9.79
N ILE D 132 12.30 7.96 -8.66
CA ILE D 132 13.46 8.02 -7.78
C ILE D 132 14.31 6.74 -7.76
N ILE D 133 15.61 6.93 -7.55
CA ILE D 133 16.60 5.86 -7.44
C ILE D 133 16.54 5.17 -6.07
N GLN D 134 16.50 3.84 -6.06
CA GLN D 134 16.35 3.09 -4.80
C GLN D 134 17.46 2.08 -4.43
N ARG D 135 18.51 2.00 -5.26
CA ARG D 135 19.70 1.16 -5.02
C ARG D 135 20.79 1.60 -6.01
N PRO D 136 22.05 1.78 -5.55
CA PRO D 136 23.18 2.04 -6.46
C PRO D 136 23.55 0.85 -7.40
N PRO D 137 24.04 1.12 -8.64
CA PRO D 137 24.39 0.10 -9.66
C PRO D 137 25.87 -0.38 -9.75
N LEU D 138 26.49 -0.23 -10.94
CA LEU D 138 27.81 -0.85 -11.38
C LEU D 138 28.66 -1.71 -10.40
N ARG D 139 28.33 -3.11 -10.60
CA ARG D 139 28.78 -4.14 -9.67
C ARG D 139 29.79 -4.99 -10.43
N SER D 140 29.54 -6.29 -10.45
CA SER D 140 30.10 -7.20 -11.44
C SER D 140 29.03 -7.25 -12.51
N ALA D 141 27.77 -7.16 -12.06
CA ALA D 141 26.57 -7.24 -12.88
C ALA D 141 26.48 -6.07 -13.85
N VAL D 142 27.05 -6.25 -15.05
CA VAL D 142 26.92 -5.29 -16.14
C VAL D 142 25.47 -5.40 -16.64
N LYS D 143 24.61 -4.55 -16.11
CA LYS D 143 23.17 -4.71 -16.23
C LYS D 143 22.59 -4.12 -17.53
N ARG D 144 21.35 -4.51 -17.84
CA ARG D 144 20.43 -3.66 -18.59
C ARG D 144 19.68 -2.93 -17.48
N ARG D 145 18.46 -2.46 -17.76
CA ARG D 145 17.50 -2.00 -16.71
C ARG D 145 18.12 -1.29 -15.47
N LEU D 146 17.27 -0.95 -14.49
CA LEU D 146 17.73 -0.35 -13.23
C LEU D 146 16.64 -0.32 -12.18
N ARG D 147 17.05 -0.08 -10.94
CA ARG D 147 16.13 -0.01 -9.80
C ARG D 147 15.52 1.38 -9.52
N THR D 148 14.64 1.80 -10.42
CA THR D 148 13.80 2.98 -10.23
C THR D 148 12.63 2.62 -9.34
N ARG D 149 12.24 3.55 -8.46
CA ARG D 149 11.01 3.40 -7.68
C ARG D 149 10.15 4.67 -7.78
N LYS D 150 8.84 4.48 -7.88
CA LYS D 150 7.94 5.59 -8.18
C LYS D 150 7.39 6.19 -6.91
N VAL D 151 7.48 7.50 -6.80
CA VAL D 151 6.87 8.19 -5.68
C VAL D 151 5.87 9.18 -6.25
N TYR D 152 4.61 8.95 -5.91
CA TYR D 152 3.51 9.63 -6.56
C TYR D 152 3.30 11.05 -6.07
N TYR D 153 3.44 11.26 -4.77
CA TYR D 153 3.46 12.63 -4.26
C TYR D 153 4.11 12.76 -2.88
N ILE D 154 4.63 13.96 -2.60
CA ILE D 154 5.15 14.32 -1.28
C ILE D 154 4.43 15.58 -0.83
N GLU D 155 3.67 15.49 0.25
CA GLU D 155 2.94 16.65 0.76
C GLU D 155 3.34 16.96 2.21
N VAL D 156 3.91 18.14 2.41
CA VAL D 156 4.39 18.59 3.72
C VAL D 156 3.31 19.42 4.40
N LEU D 157 2.66 18.83 5.39
CA LEU D 157 1.55 19.51 6.08
C LEU D 157 2.08 20.49 7.09
N GLU D 158 3.04 20.03 7.89
CA GLU D 158 3.58 20.81 8.99
C GLU D 158 5.08 20.62 9.15
N ILE D 159 5.72 21.65 9.69
CA ILE D 159 7.14 21.64 9.98
C ILE D 159 7.47 22.61 11.12
N GLU D 160 7.73 22.05 12.30
CA GLU D 160 8.31 22.79 13.40
C GLU D 160 9.83 22.49 13.42
N GLY D 161 10.64 23.54 13.50
CA GLY D 161 12.10 23.40 13.58
C GLY D 161 12.74 22.14 13.03
N ARG D 162 12.92 21.13 13.89
CA ARG D 162 13.65 19.91 13.53
C ARG D 162 12.74 18.75 13.15
N ASP D 163 11.45 18.87 13.46
CA ASP D 163 10.46 17.86 13.11
C ASP D 163 9.62 18.25 11.88
N VAL D 164 9.43 17.27 11.00
CA VAL D 164 8.79 17.53 9.71
C VAL D 164 7.67 16.50 9.51
N LEU D 165 6.48 17.02 9.22
CA LEU D 165 5.32 16.18 9.04
C LEU D 165 4.89 16.22 7.59
N PHE D 166 4.84 15.06 6.95
CA PHE D 166 4.48 14.99 5.56
C PHE D 166 3.74 13.72 5.20
N ARG D 167 2.85 13.83 4.22
CA ARG D 167 2.09 12.70 3.68
C ARG D 167 2.71 12.33 2.35
N VAL D 168 2.71 11.04 2.04
CA VAL D 168 3.35 10.57 0.82
C VAL D 168 2.70 9.32 0.19
N GLY D 169 2.56 9.33 -1.13
CA GLY D 169 2.13 8.17 -1.93
C GLY D 169 3.27 7.50 -2.67
N VAL D 170 3.32 6.15 -2.61
CA VAL D 170 4.48 5.38 -3.07
C VAL D 170 4.11 4.07 -3.79
N GLU D 171 5.01 3.59 -4.64
CA GLU D 171 4.83 2.33 -5.36
C GLU D 171 5.13 1.12 -4.47
N ALA D 172 4.57 -0.03 -4.84
CA ALA D 172 4.65 -1.29 -4.09
C ALA D 172 5.63 -1.37 -2.91
N GLY D 173 6.88 -1.70 -3.20
CA GLY D 173 7.85 -1.99 -2.13
C GLY D 173 8.86 -0.89 -1.86
N THR D 174 8.37 0.32 -1.67
CA THR D 174 9.21 1.47 -1.33
C THR D 174 9.51 1.46 0.18
N TYR D 175 10.76 1.15 0.52
CA TYR D 175 11.20 1.16 1.91
C TYR D 175 11.27 2.56 2.49
N ILE D 176 10.50 2.77 3.55
CA ILE D 176 10.20 4.11 4.05
C ILE D 176 11.17 4.77 5.08
N ARG D 177 11.68 4.01 6.05
CA ARG D 177 12.82 4.48 6.85
C ARG D 177 13.92 4.92 5.88
N SER D 178 14.15 4.05 4.90
CA SER D 178 15.15 4.24 3.85
C SER D 178 15.02 5.56 3.09
N LEU D 179 13.80 6.07 2.97
CA LEU D 179 13.61 7.30 2.20
C LEU D 179 13.95 8.54 3.01
N ILE D 180 13.49 8.58 4.26
CA ILE D 180 13.72 9.70 5.16
C ILE D 180 15.21 9.88 5.37
N HIS D 181 15.84 8.77 5.73
CA HIS D 181 17.27 8.70 5.92
C HIS D 181 18.05 9.27 4.73
N HIS D 182 17.52 9.08 3.52
CA HIS D 182 18.18 9.53 2.29
C HIS D 182 18.03 11.03 2.07
N ILE D 183 16.84 11.55 2.31
CA ILE D 183 16.62 13.00 2.32
C ILE D 183 17.44 13.62 3.45
N GLY D 184 17.55 12.88 4.56
CA GLY D 184 18.44 13.24 5.66
C GLY D 184 19.83 13.50 5.13
N LEU D 185 20.44 12.45 4.59
CA LEU D 185 21.74 12.55 3.93
C LEU D 185 21.80 13.76 3.01
N ALA D 186 20.74 13.97 2.23
CA ALA D 186 20.72 14.97 1.17
C ALA D 186 20.67 16.39 1.69
N LEU D 187 19.99 16.58 2.81
CA LEU D 187 20.00 17.87 3.47
C LEU D 187 21.29 18.06 4.28
N GLY D 188 21.94 16.94 4.59
CA GLY D 188 23.23 16.95 5.28
C GLY D 188 23.12 16.65 6.76
N VAL D 189 22.33 17.49 7.43
CA VAL D 189 22.10 17.36 8.87
C VAL D 189 21.85 15.90 9.28
N GLY D 190 21.10 15.18 8.45
CA GLY D 190 20.76 13.80 8.73
C GLY D 190 19.40 13.73 9.38
N ALA D 191 18.67 12.67 9.07
CA ALA D 191 17.34 12.52 9.61
C ALA D 191 17.01 11.06 9.86
N HIS D 192 15.84 10.83 10.48
CA HIS D 192 15.30 9.50 10.72
C HIS D 192 13.78 9.56 10.88
N MET D 193 13.18 8.44 11.29
CA MET D 193 11.75 8.33 11.29
C MET D 193 11.15 8.31 12.71
N SER D 194 10.56 9.43 13.11
CA SER D 194 9.89 9.53 14.42
C SER D 194 8.68 8.61 14.47
N GLU D 195 7.74 8.83 13.56
CA GLU D 195 6.61 7.97 13.44
C GLU D 195 6.27 7.74 11.97
N LEU D 196 5.39 6.77 11.75
CA LEU D 196 4.91 6.44 10.43
C LEU D 196 3.61 5.69 10.60
N ARG D 197 2.69 5.89 9.65
CA ARG D 197 1.37 5.28 9.76
C ARG D 197 0.66 5.18 8.40
N ARG D 198 0.25 3.97 8.04
CA ARG D 198 -0.25 3.75 6.69
C ARG D 198 -1.70 4.17 6.56
N THR D 199 -1.92 5.17 5.72
CA THR D 199 -3.28 5.69 5.46
C THR D 199 -3.99 4.98 4.29
N ARG D 200 -3.21 4.28 3.47
CA ARG D 200 -3.76 3.57 2.32
C ARG D 200 -2.95 2.32 1.99
N SER D 201 -3.68 1.24 1.69
CA SER D 201 -3.12 0.10 0.98
C SER D 201 -4.08 -0.32 -0.12
N GLY D 202 -3.78 0.12 -1.34
CA GLY D 202 -4.63 -0.09 -2.51
C GLY D 202 -6.08 0.32 -2.32
N PRO D 203 -7.00 -0.66 -2.41
CA PRO D 203 -8.41 -0.32 -2.30
C PRO D 203 -8.74 0.07 -0.87
N PHE D 204 -7.83 -0.23 0.07
CA PHE D 204 -8.05 -0.02 1.49
C PHE D 204 -7.61 1.35 2.00
N LYS D 205 -8.61 2.11 2.46
CA LYS D 205 -8.44 3.50 2.84
C LYS D 205 -8.67 3.72 4.33
N GLU D 206 -8.21 4.86 4.84
CA GLU D 206 -8.47 5.28 6.20
C GLU D 206 -9.77 6.03 6.13
N ASP D 207 -10.86 5.32 6.39
CA ASP D 207 -12.19 5.84 6.11
C ASP D 207 -13.14 5.20 7.07
N GLU D 208 -14.43 5.46 6.83
CA GLU D 208 -15.53 5.01 7.66
C GLU D 208 -15.53 3.52 7.96
N THR D 209 -14.59 2.82 7.32
CA THR D 209 -14.59 1.39 7.24
C THR D 209 -13.51 0.78 8.13
N LEU D 210 -12.68 1.65 8.69
CA LEU D 210 -11.41 1.21 9.27
C LEU D 210 -11.55 0.99 10.75
N ILE D 211 -11.31 -0.23 11.21
CA ILE D 211 -11.69 -0.58 12.56
C ILE D 211 -10.53 -1.06 13.41
N THR D 212 -10.57 -0.70 14.69
CA THR D 212 -9.58 -1.11 15.68
C THR D 212 -9.91 -2.45 16.25
N LEU D 213 -8.88 -3.13 16.74
CA LEU D 213 -9.05 -4.33 17.52
C LEU D 213 -10.13 -4.17 18.57
N HIS D 214 -10.27 -2.99 19.12
CA HIS D 214 -11.15 -2.82 20.24
C HIS D 214 -12.59 -2.94 19.81
N ASP D 215 -13.02 -2.19 18.79
CA ASP D 215 -14.42 -2.24 18.37
C ASP D 215 -14.66 -3.60 17.76
N LEU D 216 -13.62 -4.16 17.16
CA LEU D 216 -13.78 -5.41 16.45
C LEU D 216 -14.25 -6.47 17.43
N VAL D 217 -13.34 -6.81 18.36
CA VAL D 217 -13.58 -7.74 19.44
C VAL D 217 -14.94 -7.44 20.04
N ASP D 218 -15.17 -6.19 20.37
CA ASP D 218 -16.38 -5.81 21.03
C ASP D 218 -17.64 -6.04 20.21
N TYR D 219 -17.62 -5.66 18.92
CA TYR D 219 -18.76 -5.91 18.04
C TYR D 219 -19.01 -7.40 17.90
N TYR D 220 -17.93 -8.16 17.93
CA TYR D 220 -18.03 -9.60 17.88
C TYR D 220 -18.89 -10.09 19.02
N TYR D 221 -18.61 -9.63 20.24
CA TYR D 221 -19.33 -10.11 21.40
C TYR D 221 -20.76 -9.63 21.38
N PHE D 222 -21.01 -8.56 20.63
CA PHE D 222 -22.34 -7.98 20.55
C PHE D 222 -23.21 -8.90 19.74
N TRP D 223 -22.59 -9.52 18.75
CA TRP D 223 -23.25 -10.51 17.94
C TRP D 223 -23.41 -11.81 18.73
N LYS D 224 -22.31 -12.34 19.22
CA LYS D 224 -22.33 -13.62 19.92
C LYS D 224 -23.22 -13.59 21.15
N GLU D 225 -23.14 -12.52 21.93
CA GLU D 225 -23.82 -12.48 23.23
C GLU D 225 -25.20 -11.82 23.18
N ASP D 226 -25.27 -10.65 22.57
CA ASP D 226 -26.52 -9.91 22.46
C ASP D 226 -27.27 -10.28 21.18
N GLY D 227 -26.62 -11.03 20.30
CA GLY D 227 -27.25 -11.42 19.05
C GLY D 227 -27.43 -10.26 18.08
N ILE D 228 -26.39 -9.43 17.93
CA ILE D 228 -26.51 -8.23 17.09
C ILE D 228 -25.51 -8.20 15.95
N GLU D 229 -26.04 -8.39 14.76
CA GLU D 229 -25.19 -8.53 13.60
C GLU D 229 -24.67 -7.18 13.16
N GLU D 230 -25.53 -6.23 12.79
CA GLU D 230 -25.08 -5.05 12.03
C GLU D 230 -23.71 -4.54 12.45
N TYR D 231 -23.48 -4.31 13.74
CA TYR D 231 -22.20 -3.76 14.17
C TYR D 231 -21.02 -4.63 13.73
N PHE D 232 -21.07 -5.91 14.08
CA PHE D 232 -20.00 -6.82 13.66
C PHE D 232 -20.00 -7.03 12.17
N ARG D 233 -21.19 -6.98 11.57
CA ARG D 233 -21.29 -7.11 10.14
C ARG D 233 -20.52 -5.97 9.48
N LYS D 234 -20.90 -4.72 9.79
CA LYS D 234 -20.27 -3.53 9.21
C LYS D 234 -18.74 -3.49 9.45
N ALA D 235 -18.25 -4.38 10.30
CA ALA D 235 -16.83 -4.46 10.58
C ALA D 235 -16.12 -5.29 9.54
N ILE D 236 -16.79 -6.28 8.96
CA ILE D 236 -16.13 -7.10 7.93
C ILE D 236 -16.52 -6.68 6.54
N GLN D 237 -15.51 -6.38 5.73
CA GLN D 237 -15.69 -6.12 4.33
C GLN D 237 -15.83 -7.44 3.61
N PRO D 238 -16.47 -7.44 2.45
CA PRO D 238 -16.41 -8.59 1.56
C PRO D 238 -15.03 -8.73 0.92
N MET D 239 -14.72 -9.90 0.39
CA MET D 239 -13.43 -10.10 -0.25
C MET D 239 -13.39 -9.36 -1.56
N GLU D 240 -14.56 -9.23 -2.18
CA GLU D 240 -14.68 -8.51 -3.43
C GLU D 240 -14.03 -7.15 -3.33
N LYS D 241 -13.86 -6.65 -2.11
CA LYS D 241 -13.22 -5.36 -1.92
C LYS D 241 -11.73 -5.47 -2.22
N ALA D 242 -11.14 -6.59 -1.88
CA ALA D 242 -9.71 -6.77 -2.05
C ALA D 242 -9.27 -6.74 -3.52
N VAL D 243 -10.21 -6.48 -4.43
CA VAL D 243 -9.89 -6.50 -5.85
C VAL D 243 -10.41 -5.27 -6.59
N GLU D 244 -11.07 -4.40 -5.84
CA GLU D 244 -11.68 -3.17 -6.34
C GLU D 244 -10.79 -2.37 -7.28
N HIS D 245 -9.48 -2.53 -7.13
CA HIS D 245 -8.51 -1.80 -7.93
C HIS D 245 -8.17 -2.54 -9.22
N LEU D 246 -8.45 -3.84 -9.24
CA LEU D 246 -8.00 -4.73 -10.33
C LEU D 246 -8.84 -4.65 -11.59
N PRO D 247 -8.31 -5.17 -12.71
CA PRO D 247 -9.11 -5.47 -13.89
C PRO D 247 -10.04 -6.66 -13.68
N LYS D 248 -11.27 -6.49 -14.14
CA LYS D 248 -12.28 -7.50 -13.92
C LYS D 248 -12.94 -7.89 -15.22
N VAL D 249 -13.39 -9.13 -15.26
CA VAL D 249 -14.24 -9.59 -16.34
C VAL D 249 -15.47 -10.23 -15.73
N TRP D 250 -16.60 -10.05 -16.38
CA TRP D 250 -17.84 -10.56 -15.85
C TRP D 250 -18.37 -11.66 -16.76
N ILE D 251 -18.82 -12.74 -16.15
CA ILE D 251 -19.09 -13.97 -16.86
C ILE D 251 -20.47 -14.57 -16.61
N LYS D 252 -21.09 -15.10 -17.67
CA LYS D 252 -22.45 -15.64 -17.58
C LYS D 252 -22.54 -16.73 -16.52
N ASP D 253 -23.72 -16.87 -15.92
CA ASP D 253 -23.93 -17.81 -14.82
C ASP D 253 -23.53 -19.22 -15.24
N SER D 254 -23.75 -19.49 -16.52
CA SER D 254 -23.39 -20.75 -17.14
C SER D 254 -21.91 -21.09 -16.97
N ALA D 255 -21.06 -20.07 -17.06
CA ALA D 255 -19.62 -20.25 -17.06
C ALA D 255 -19.04 -20.54 -15.68
N VAL D 256 -19.76 -20.11 -14.65
CA VAL D 256 -19.18 -20.06 -13.32
C VAL D 256 -18.74 -21.44 -12.81
N ALA D 257 -19.71 -22.35 -12.76
CA ALA D 257 -19.48 -23.72 -12.30
C ALA D 257 -18.22 -24.36 -12.92
N ALA D 258 -18.05 -24.19 -14.23
CA ALA D 258 -16.85 -24.68 -14.93
C ALA D 258 -15.61 -24.15 -14.26
N VAL D 259 -15.58 -22.83 -14.12
CA VAL D 259 -14.47 -22.19 -13.47
C VAL D 259 -14.36 -22.63 -12.03
N THR D 260 -15.46 -22.71 -11.28
CA THR D 260 -15.32 -23.13 -9.87
C THR D 260 -14.79 -24.55 -9.77
N HIS D 261 -15.04 -25.34 -10.80
CA HIS D 261 -14.46 -26.65 -10.90
C HIS D 261 -13.10 -26.58 -11.57
N GLY D 262 -12.60 -25.38 -11.81
CA GLY D 262 -11.21 -25.19 -12.31
C GLY D 262 -10.98 -25.21 -13.82
N ALA D 263 -12.02 -24.90 -14.59
CA ALA D 263 -11.90 -24.70 -16.02
C ALA D 263 -11.31 -23.32 -16.28
N ASP D 264 -10.53 -23.18 -17.34
CA ASP D 264 -10.08 -21.86 -17.75
C ASP D 264 -11.24 -21.15 -18.42
N LEU D 265 -11.19 -19.82 -18.49
CA LEU D 265 -12.33 -19.07 -18.99
C LEU D 265 -12.19 -18.63 -20.43
N ALA D 266 -13.12 -19.10 -21.26
CA ALA D 266 -13.11 -18.85 -22.70
C ALA D 266 -14.05 -17.72 -23.13
N VAL D 267 -13.65 -17.04 -24.19
CA VAL D 267 -14.38 -15.90 -24.77
C VAL D 267 -15.92 -15.93 -24.78
N PRO D 268 -16.56 -17.07 -25.10
CA PRO D 268 -18.03 -17.04 -25.14
C PRO D 268 -18.68 -16.87 -23.78
N GLY D 269 -17.91 -17.07 -22.71
CA GLY D 269 -18.42 -16.90 -21.36
C GLY D 269 -18.29 -15.50 -20.77
N ILE D 270 -17.76 -14.55 -21.52
CA ILE D 270 -17.54 -13.20 -21.02
C ILE D 270 -18.70 -12.30 -21.38
N ALA D 271 -19.37 -11.73 -20.37
CA ALA D 271 -20.46 -10.80 -20.60
C ALA D 271 -19.93 -9.38 -20.83
N LYS D 272 -18.93 -8.99 -20.04
CA LYS D 272 -18.31 -7.66 -20.13
C LYS D 272 -16.99 -7.61 -19.38
N LEU D 273 -16.17 -6.61 -19.70
CA LEU D 273 -14.83 -6.50 -19.15
C LEU D 273 -14.29 -5.07 -19.08
N HIS D 274 -13.12 -4.92 -18.46
CA HIS D 274 -12.43 -3.62 -18.41
C HIS D 274 -11.58 -3.36 -19.64
N ALA D 275 -11.56 -2.11 -20.08
CA ALA D 275 -10.67 -1.67 -21.14
C ALA D 275 -9.20 -1.69 -20.69
N GLY D 276 -8.28 -1.53 -21.64
CA GLY D 276 -6.85 -1.36 -21.33
C GLY D 276 -6.08 -2.58 -20.84
N ILE D 277 -6.75 -3.73 -20.72
CA ILE D 277 -6.10 -4.97 -20.33
C ILE D 277 -5.10 -5.38 -21.40
N LYS D 278 -3.94 -5.88 -20.94
CA LYS D 278 -2.89 -6.36 -21.83
C LYS D 278 -2.59 -7.80 -21.45
N ARG D 279 -1.60 -8.41 -22.11
CA ARG D 279 -1.30 -9.84 -21.93
C ARG D 279 -0.70 -10.18 -20.56
N GLY D 280 -0.94 -11.41 -20.11
CA GLY D 280 -0.37 -11.98 -18.87
C GLY D 280 -0.44 -11.24 -17.54
N ASP D 281 -1.50 -10.47 -17.29
CA ASP D 281 -1.62 -9.75 -16.01
C ASP D 281 -2.83 -10.07 -15.14
N LEU D 282 -2.64 -9.97 -13.83
CA LEU D 282 -3.61 -10.44 -12.89
C LEU D 282 -4.97 -9.84 -13.20
N VAL D 283 -6.00 -10.68 -13.19
CA VAL D 283 -7.37 -10.26 -13.46
C VAL D 283 -8.31 -11.00 -12.55
N ALA D 284 -9.43 -10.36 -12.25
CA ALA D 284 -10.41 -10.93 -11.34
C ALA D 284 -11.68 -11.25 -12.10
N ILE D 285 -12.18 -12.46 -11.92
CA ILE D 285 -13.34 -12.84 -12.69
C ILE D 285 -14.58 -12.84 -11.80
N MET D 286 -15.57 -12.11 -12.25
CA MET D 286 -16.70 -11.77 -11.43
C MET D 286 -17.96 -12.33 -12.03
N THR D 287 -18.92 -12.67 -11.18
CA THR D 287 -20.27 -12.96 -11.65
C THR D 287 -20.99 -11.63 -11.88
N LEU D 288 -22.05 -11.67 -12.68
CA LEU D 288 -22.85 -10.47 -12.93
C LEU D 288 -23.46 -9.85 -11.67
N LYS D 289 -23.30 -10.54 -10.54
CA LYS D 289 -23.74 -10.04 -9.24
C LYS D 289 -22.56 -9.37 -8.56
N ASP D 290 -21.48 -9.16 -9.32
CA ASP D 290 -20.27 -8.49 -8.83
C ASP D 290 -19.61 -9.25 -7.69
N GLU D 291 -19.85 -10.55 -7.62
CA GLU D 291 -19.09 -11.37 -6.69
C GLU D 291 -17.88 -11.99 -7.41
N LEU D 292 -16.82 -12.20 -6.66
CA LEU D 292 -15.57 -12.71 -7.19
C LEU D 292 -15.67 -14.22 -7.34
N VAL D 293 -14.96 -14.78 -8.33
CA VAL D 293 -14.95 -16.22 -8.53
C VAL D 293 -13.53 -16.73 -8.41
N ALA D 294 -12.66 -16.11 -9.19
CA ALA D 294 -11.30 -16.55 -9.30
C ALA D 294 -10.40 -15.44 -9.79
N LEU D 295 -9.10 -15.70 -9.68
CA LEU D 295 -8.07 -14.83 -10.21
C LEU D 295 -7.34 -15.62 -11.25
N GLY D 296 -6.98 -14.95 -12.34
CA GLY D 296 -6.13 -15.56 -13.35
C GLY D 296 -5.23 -14.53 -14.01
N LYS D 297 -4.63 -14.92 -15.12
CA LYS D 297 -3.88 -13.95 -15.88
C LYS D 297 -4.43 -13.89 -17.29
N ALA D 298 -4.58 -12.67 -17.76
CA ALA D 298 -5.20 -12.39 -19.04
C ALA D 298 -4.38 -13.02 -20.14
N MET D 299 -5.07 -13.63 -21.09
CA MET D 299 -4.39 -14.24 -22.21
C MET D 299 -4.54 -13.37 -23.44
N MET D 300 -5.54 -12.49 -23.42
CA MET D 300 -5.80 -11.58 -24.53
C MET D 300 -5.86 -10.13 -24.09
N THR D 301 -5.78 -9.23 -25.06
CA THR D 301 -6.00 -7.83 -24.81
C THR D 301 -7.48 -7.65 -24.62
N SER D 302 -7.87 -6.87 -23.62
CA SER D 302 -9.26 -6.49 -23.43
C SER D 302 -9.73 -5.80 -24.70
N GLN D 303 -8.90 -4.87 -25.18
CA GLN D 303 -9.11 -4.16 -26.44
C GLN D 303 -9.66 -5.04 -27.58
N GLU D 304 -9.38 -6.35 -27.56
CA GLU D 304 -9.90 -7.29 -28.56
C GLU D 304 -10.58 -8.51 -27.96
N MET D 305 -10.52 -8.64 -26.64
CA MET D 305 -11.25 -9.71 -25.94
C MET D 305 -12.69 -9.78 -26.42
N LEU D 306 -13.22 -8.64 -26.83
CA LEU D 306 -14.62 -8.52 -27.24
C LEU D 306 -14.85 -8.76 -28.73
N GLU D 307 -13.81 -8.54 -29.54
CA GLU D 307 -13.91 -8.72 -30.98
C GLU D 307 -13.92 -10.20 -31.35
N LYS D 308 -13.12 -10.98 -30.62
CA LYS D 308 -13.06 -12.42 -30.84
C LYS D 308 -14.28 -13.12 -30.25
N THR D 309 -14.53 -14.33 -30.70
CA THR D 309 -15.70 -15.09 -30.26
C THR D 309 -15.37 -16.42 -29.57
N LYS D 310 -14.30 -17.10 -30.03
CA LYS D 310 -13.86 -18.36 -29.41
C LYS D 310 -12.41 -18.31 -28.92
N GLY D 311 -11.99 -19.35 -28.21
CA GLY D 311 -10.65 -19.44 -27.62
C GLY D 311 -10.66 -19.09 -26.13
N ILE D 312 -9.52 -19.29 -25.44
CA ILE D 312 -9.41 -19.01 -23.99
C ILE D 312 -8.81 -17.62 -23.74
N ALA D 313 -9.21 -16.98 -22.64
CA ALA D 313 -8.75 -15.63 -22.33
C ALA D 313 -8.24 -15.37 -20.91
N VAL D 314 -8.29 -16.39 -20.04
CA VAL D 314 -7.69 -16.28 -18.71
C VAL D 314 -7.31 -17.64 -18.18
N ASP D 315 -6.02 -17.86 -17.92
CA ASP D 315 -5.62 -19.05 -17.20
C ASP D 315 -6.07 -18.82 -15.78
N VAL D 316 -7.18 -19.46 -15.41
CA VAL D 316 -7.70 -19.40 -14.06
C VAL D 316 -6.74 -20.09 -13.09
N GLU D 317 -6.41 -19.36 -12.02
CA GLU D 317 -5.33 -19.74 -11.10
C GLU D 317 -5.78 -19.97 -9.63
N LYS D 318 -6.81 -19.23 -9.20
CA LYS D 318 -7.29 -19.33 -7.83
C LYS D 318 -8.81 -19.33 -7.71
N VAL D 319 -9.37 -20.45 -7.27
CA VAL D 319 -10.81 -20.59 -7.10
C VAL D 319 -11.24 -20.19 -5.68
N PHE D 320 -11.93 -19.06 -5.57
CA PHE D 320 -12.43 -18.64 -4.28
C PHE D 320 -13.83 -19.15 -4.02
N MET D 321 -14.77 -18.75 -4.87
CA MET D 321 -16.12 -19.25 -4.78
C MET D 321 -16.16 -20.76 -4.62
N PRO D 322 -17.07 -21.25 -3.77
CA PRO D 322 -17.34 -22.67 -3.67
C PRO D 322 -17.99 -23.17 -4.95
N ARG D 323 -17.82 -24.46 -5.23
CA ARG D 323 -18.44 -25.13 -6.36
C ARG D 323 -19.95 -25.15 -6.18
N ASP D 324 -20.38 -25.39 -4.93
CA ASP D 324 -21.79 -25.40 -4.48
C ASP D 324 -22.73 -24.39 -5.15
N TRP D 325 -22.35 -23.12 -5.11
CA TRP D 325 -23.24 -22.00 -5.38
C TRP D 325 -23.93 -22.02 -6.72
N TYR D 326 -23.23 -22.54 -7.74
CA TYR D 326 -23.74 -22.52 -9.10
C TYR D 326 -23.79 -23.92 -9.69
N PRO D 327 -24.96 -24.31 -10.23
CA PRO D 327 -25.17 -25.62 -10.86
C PRO D 327 -24.18 -25.87 -11.98
N LYS D 328 -24.02 -27.14 -12.36
CA LYS D 328 -23.17 -27.50 -13.49
C LYS D 328 -23.97 -27.28 -14.77
N LEU D 329 -23.55 -26.31 -15.58
CA LEU D 329 -24.35 -25.93 -16.74
C LEU D 329 -23.69 -26.17 -18.08
N TRP D 330 -22.66 -27.00 -18.10
CA TRP D 330 -22.01 -27.37 -19.36
C TRP D 330 -22.59 -28.71 -19.84
N GLU D 331 -23.74 -29.09 -19.26
CA GLU D 331 -24.53 -30.25 -19.67
C GLU D 331 -25.24 -29.97 -21.01
N LYS D 332 -24.42 -29.70 -22.04
CA LYS D 332 -24.84 -29.23 -23.35
C LYS D 332 -25.41 -30.33 -24.27
N ARG D 333 -25.34 -30.13 -25.58
CA ARG D 333 -25.98 -31.03 -26.56
C ARG D 333 -25.01 -31.67 -27.54
N ASP D 334 -24.01 -30.90 -27.96
CA ASP D 334 -23.01 -31.34 -28.94
C ASP D 334 -21.58 -31.00 -28.51
N PHE E 1 3.41 9.66 21.76
CA PHE E 1 3.47 9.91 20.28
C PHE E 1 3.03 11.33 19.94
N ARG E 2 3.27 11.70 18.69
CA ARG E 2 3.26 13.10 18.27
C ARG E 2 2.26 13.40 17.16
N ILE E 3 1.89 12.37 16.42
CA ILE E 3 1.05 12.57 15.25
C ILE E 3 -0.40 12.67 15.67
N ARG E 4 -1.12 13.63 15.10
CA ARG E 4 -2.45 13.95 15.60
C ARG E 4 -3.50 14.12 14.50
N LYS E 5 -4.79 14.11 14.88
CA LYS E 5 -5.91 14.19 13.93
C LYS E 5 -7.13 14.96 14.45
N CYS E 6 -7.70 15.86 13.64
CA CYS E 6 -9.05 16.37 13.96
C CYS E 6 -9.86 15.11 14.02
N PRO E 7 -10.59 14.91 15.13
CA PRO E 7 -11.54 13.82 15.13
C PRO E 7 -12.65 14.13 14.14
N LYS E 8 -13.32 15.26 14.33
CA LYS E 8 -14.41 15.63 13.45
C LYS E 8 -13.94 15.81 11.99
N CYS E 9 -12.72 16.29 11.81
CA CYS E 9 -12.29 16.76 10.50
C CYS E 9 -11.22 15.91 9.78
N GLY E 10 -10.50 15.08 10.53
CA GLY E 10 -9.61 14.06 9.94
C GLY E 10 -8.21 14.49 9.48
N ARG E 11 -7.98 15.78 9.33
CA ARG E 11 -6.66 16.27 8.97
C ARG E 11 -5.63 15.86 10.02
N TYR E 12 -4.38 15.74 9.59
CA TYR E 12 -3.29 15.36 10.46
C TYR E 12 -2.48 16.60 10.85
N THR E 13 -1.76 16.50 11.98
CA THR E 13 -1.02 17.64 12.58
C THR E 13 -0.14 17.23 13.77
N LEU E 14 0.69 18.17 14.23
CA LEU E 14 1.47 18.03 15.46
C LEU E 14 0.89 18.94 16.53
N LYS E 15 0.15 19.95 16.09
CA LYS E 15 -0.49 20.89 17.00
C LYS E 15 -1.65 20.24 17.71
N GLU E 16 -2.05 20.81 18.84
CA GLU E 16 -3.15 20.28 19.63
C GLU E 16 -4.49 20.90 19.27
N VAL E 17 -4.45 21.96 18.47
CA VAL E 17 -5.66 22.55 17.88
C VAL E 17 -5.62 22.31 16.37
N CYS E 18 -6.80 22.14 15.78
CA CYS E 18 -6.95 22.01 14.33
C CYS E 18 -6.79 23.36 13.62
N PRO E 19 -5.71 23.53 12.82
CA PRO E 19 -5.36 24.77 12.12
C PRO E 19 -6.56 25.60 11.61
N VAL E 20 -7.33 25.03 10.69
CA VAL E 20 -8.58 25.64 10.23
C VAL E 20 -9.63 24.53 10.28
N CYS E 21 -10.21 24.34 11.47
CA CYS E 21 -11.09 23.20 11.82
C CYS E 21 -11.57 23.45 13.24
N GLY E 22 -12.50 22.64 13.72
CA GLY E 22 -13.07 22.82 15.04
C GLY E 22 -12.20 22.40 16.22
N GLU E 23 -12.38 21.16 16.64
CA GLU E 23 -11.96 20.73 17.98
C GLU E 23 -10.46 20.49 18.20
N LYS E 24 -10.18 19.78 19.29
CA LYS E 24 -8.84 19.48 19.77
C LYS E 24 -8.40 18.14 19.20
N THR E 25 -7.13 18.05 18.80
CA THR E 25 -6.62 16.87 18.08
C THR E 25 -6.38 15.70 19.00
N LYS E 26 -6.45 14.50 18.42
CA LYS E 26 -6.16 13.28 19.16
C LYS E 26 -4.96 12.56 18.55
N VAL E 27 -4.28 11.79 19.38
CA VAL E 27 -3.16 10.98 18.96
C VAL E 27 -3.64 10.06 17.86
N ALA E 28 -2.93 10.08 16.74
CA ALA E 28 -3.33 9.33 15.55
C ALA E 28 -3.33 7.81 15.72
N HIS E 29 -2.24 7.25 16.25
CA HIS E 29 -2.16 5.79 16.48
C HIS E 29 -3.24 5.35 17.47
N PRO E 30 -3.91 4.21 17.18
CA PRO E 30 -4.99 3.72 18.06
C PRO E 30 -4.42 3.14 19.34
N PRO E 31 -5.22 3.11 20.42
CA PRO E 31 -4.67 2.65 21.70
C PRO E 31 -4.28 1.18 21.61
N ARG E 32 -3.39 0.76 22.50
CA ARG E 32 -2.80 -0.56 22.44
C ARG E 32 -3.75 -1.66 22.95
N PHE E 33 -3.62 -2.86 22.41
CA PHE E 33 -4.47 -3.98 22.77
C PHE E 33 -3.66 -5.11 23.37
N SER E 34 -4.22 -5.72 24.41
CA SER E 34 -3.62 -6.93 24.94
C SER E 34 -4.60 -8.06 24.67
N PRO E 35 -4.08 -9.22 24.26
CA PRO E 35 -4.90 -10.37 23.91
C PRO E 35 -5.71 -10.90 25.08
N GLU E 36 -5.18 -10.79 26.29
CA GLU E 36 -5.95 -11.03 27.50
C GLU E 36 -7.20 -10.19 27.49
N ASP E 37 -7.04 -8.96 26.99
CA ASP E 37 -8.06 -7.93 27.06
C ASP E 37 -8.79 -8.00 28.40
N PRO E 38 -8.05 -7.79 29.52
CA PRO E 38 -8.53 -8.04 30.88
C PRO E 38 -9.77 -7.23 31.21
N TYR E 39 -9.96 -6.11 30.53
CA TYR E 39 -10.96 -5.15 30.89
C TYR E 39 -12.02 -4.92 29.84
N GLY E 40 -11.99 -5.72 28.77
CA GLY E 40 -12.97 -5.56 27.70
C GLY E 40 -14.34 -5.57 28.32
N GLU E 41 -14.52 -6.45 29.29
CA GLU E 41 -15.78 -6.58 29.97
C GLU E 41 -16.38 -5.22 30.32
N TYR E 42 -15.59 -4.43 31.04
CA TYR E 42 -15.97 -3.09 31.38
C TYR E 42 -16.29 -2.29 30.12
N ARG E 43 -15.36 -2.29 29.18
CA ARG E 43 -15.48 -1.48 28.00
C ARG E 43 -16.81 -1.71 27.34
N ARG E 44 -17.17 -2.97 27.19
CA ARG E 44 -18.37 -3.34 26.47
C ARG E 44 -19.58 -2.87 27.22
N ARG E 45 -19.47 -2.86 28.54
CA ARG E 45 -20.53 -2.33 29.36
C ARG E 45 -20.70 -0.88 28.95
N TRP E 46 -19.61 -0.13 29.00
CA TRP E 46 -19.61 1.25 28.55
C TRP E 46 -20.27 1.38 27.17
N LYS E 47 -19.82 0.58 26.23
CA LYS E 47 -20.20 0.74 24.85
C LYS E 47 -21.68 0.47 24.69
N ARG E 48 -22.15 -0.61 25.29
CA ARG E 48 -23.57 -0.90 25.25
C ARG E 48 -24.31 0.40 25.58
N GLU E 49 -23.93 1.01 26.70
CA GLU E 49 -24.58 2.20 27.25
C GLU E 49 -24.69 3.33 26.25
N VAL E 50 -23.61 3.53 25.52
CA VAL E 50 -23.42 4.66 24.63
C VAL E 50 -24.25 4.48 23.37
N LEU E 51 -24.52 3.22 23.01
CA LEU E 51 -25.27 2.91 21.80
C LEU E 51 -26.43 1.91 22.05
N GLY E 52 -27.35 2.33 22.90
CA GLY E 52 -28.54 1.58 23.27
C GLY E 52 -28.51 0.08 23.05
N ILE E 53 -27.90 -0.65 23.98
CA ILE E 53 -27.97 -2.12 23.97
C ILE E 53 -28.29 -2.70 25.35
N MET F 1 36.99 9.26 -17.06
CA MET F 1 36.54 10.18 -15.98
C MET F 1 35.83 11.43 -16.53
N LYS F 2 34.56 11.60 -16.14
CA LYS F 2 33.83 12.81 -16.45
C LYS F 2 33.61 13.52 -15.13
N ARG F 3 33.17 14.78 -15.19
CA ARG F 3 32.89 15.56 -13.98
C ARG F 3 31.71 14.95 -13.25
N LEU F 4 31.60 15.27 -11.96
CA LEU F 4 30.54 14.73 -11.11
C LEU F 4 29.60 15.83 -10.62
N GLY F 5 30.19 16.92 -10.10
CA GLY F 5 29.43 18.11 -9.71
C GLY F 5 30.12 19.02 -8.70
N LYS F 6 29.39 20.08 -8.31
CA LYS F 6 29.82 20.97 -7.25
C LYS F 6 29.38 20.36 -5.91
N VAL F 7 30.30 20.33 -4.94
CA VAL F 7 29.98 19.83 -3.59
C VAL F 7 29.10 20.84 -2.84
N LEU F 8 27.87 20.42 -2.54
CA LEU F 8 26.85 21.28 -1.94
C LEU F 8 27.10 21.52 -0.45
N HIS F 9 27.56 20.48 0.24
CA HIS F 9 27.97 20.55 1.65
C HIS F 9 28.53 19.22 2.15
N TYR F 10 28.80 19.16 3.45
CA TYR F 10 29.24 17.95 4.12
C TYR F 10 28.13 17.44 5.03
N ALA F 11 27.78 16.17 4.89
CA ALA F 11 26.75 15.56 5.73
C ALA F 11 27.34 15.26 7.10
N LYS F 12 26.57 15.60 8.13
CA LYS F 12 27.00 15.50 9.53
C LYS F 12 27.28 14.06 9.96
N GLN F 13 26.94 13.11 9.11
CA GLN F 13 27.12 11.70 9.41
C GLN F 13 28.44 11.17 8.83
N GLY F 14 28.91 11.81 7.76
CA GLY F 14 30.25 11.56 7.25
C GLY F 14 30.37 11.42 5.75
N PHE F 15 29.59 12.21 5.01
CA PHE F 15 29.53 12.10 3.55
C PHE F 15 29.57 13.42 2.77
N LEU F 16 30.38 13.45 1.71
CA LEU F 16 30.40 14.58 0.80
C LEU F 16 29.22 14.45 -0.14
N ILE F 17 28.45 15.54 -0.28
CA ILE F 17 27.29 15.53 -1.17
C ILE F 17 27.54 16.36 -2.42
N VAL F 18 27.85 15.66 -3.51
CA VAL F 18 28.01 16.27 -4.82
C VAL F 18 26.73 16.02 -5.62
N ARG F 19 26.13 17.09 -6.14
CA ARG F 19 24.87 16.96 -6.88
C ARG F 19 25.14 16.78 -8.37
N THR F 20 24.37 15.90 -9.01
CA THR F 20 24.78 15.33 -10.28
C THR F 20 23.74 15.35 -11.41
N ASN F 21 24.24 15.25 -12.64
CA ASN F 21 23.40 15.11 -13.84
C ASN F 21 23.28 13.68 -14.38
N TRP F 22 24.27 12.83 -14.08
CA TRP F 22 24.19 11.41 -14.43
C TRP F 22 24.49 10.51 -13.24
N VAL F 23 24.11 9.23 -13.36
CA VAL F 23 24.23 8.27 -12.26
C VAL F 23 25.54 7.51 -12.31
N PRO F 24 26.32 7.61 -11.23
CA PRO F 24 27.48 6.74 -11.07
C PRO F 24 27.07 5.38 -10.50
N SER F 25 27.74 4.93 -9.43
CA SER F 25 27.56 3.58 -8.87
C SER F 25 28.41 3.31 -7.64
N LEU F 26 28.14 2.20 -6.96
CA LEU F 26 28.84 1.82 -5.72
C LEU F 26 30.31 1.47 -5.96
N ASN F 27 31.19 2.11 -5.20
CA ASN F 27 32.65 1.87 -5.22
C ASN F 27 33.44 2.54 -6.37
N ASP F 28 32.87 3.57 -6.99
CA ASP F 28 33.57 4.36 -8.02
C ASP F 28 34.59 5.33 -7.39
N ARG F 29 35.80 5.39 -7.93
CA ARG F 29 36.83 6.27 -7.38
C ARG F 29 36.50 7.73 -7.71
N VAL F 30 36.41 8.56 -6.67
CA VAL F 30 36.12 9.98 -6.86
C VAL F 30 37.35 10.77 -6.54
N VAL F 31 37.65 11.72 -7.44
CA VAL F 31 38.91 12.47 -7.35
C VAL F 31 38.66 13.98 -7.30
N ASP F 32 39.76 14.73 -7.22
CA ASP F 32 39.70 16.19 -7.18
C ASP F 32 40.16 16.75 -8.52
N LYS F 33 39.86 18.03 -8.75
CA LYS F 33 40.19 18.72 -10.01
C LYS F 33 41.65 18.60 -10.46
N ARG F 34 42.47 17.92 -9.66
CA ARG F 34 43.84 17.57 -10.03
C ARG F 34 44.15 16.10 -9.74
N LEU F 35 43.18 15.22 -10.00
CA LEU F 35 43.34 13.76 -9.82
C LEU F 35 43.81 13.34 -8.43
N GLN F 36 43.35 14.05 -7.41
CA GLN F 36 43.72 13.74 -6.04
C GLN F 36 42.63 12.92 -5.41
N PHE F 37 42.89 11.62 -5.22
CA PHE F 37 41.85 10.70 -4.75
C PHE F 37 41.10 11.25 -3.53
N VAL F 38 39.78 11.34 -3.64
CA VAL F 38 38.93 11.88 -2.56
C VAL F 38 38.24 10.77 -1.74
N GLY F 39 37.41 9.94 -2.40
CA GLY F 39 36.80 8.79 -1.74
C GLY F 39 36.16 7.74 -2.63
N ILE F 40 35.34 6.89 -2.02
CA ILE F 40 34.44 5.96 -2.72
C ILE F 40 32.98 6.31 -2.41
N VAL F 41 32.06 5.79 -3.22
CA VAL F 41 30.62 6.07 -3.09
C VAL F 41 29.92 5.04 -2.20
N LYS F 42 28.75 5.40 -1.67
CA LYS F 42 27.91 4.47 -0.94
C LYS F 42 26.45 4.57 -1.32
N ASP F 43 26.09 5.67 -1.99
CA ASP F 43 24.69 5.87 -2.37
C ASP F 43 24.52 6.88 -3.49
N VAL F 44 23.69 6.50 -4.46
CA VAL F 44 22.99 7.45 -5.29
C VAL F 44 21.53 7.23 -4.90
N PHE F 45 20.75 8.31 -4.94
CA PHE F 45 19.40 8.31 -4.39
C PHE F 45 18.66 9.56 -4.83
N GLY F 46 17.41 9.42 -5.23
CA GLY F 46 16.63 10.57 -5.66
C GLY F 46 16.59 10.72 -7.17
N PRO F 47 15.83 11.74 -7.65
CA PRO F 47 15.27 11.83 -9.00
C PRO F 47 16.21 11.29 -10.07
N VAL F 48 15.76 10.25 -10.77
CA VAL F 48 16.60 9.49 -11.71
C VAL F 48 17.25 10.38 -12.77
N LYS F 49 16.61 11.52 -13.02
CA LYS F 49 17.12 12.57 -13.91
C LYS F 49 18.34 13.29 -13.33
N MET F 50 18.16 13.98 -12.19
CA MET F 50 19.24 14.71 -11.53
C MET F 50 19.44 14.21 -10.10
N PRO F 51 20.28 13.16 -9.92
CA PRO F 51 20.39 12.48 -8.63
C PRO F 51 21.21 13.21 -7.56
N TYR F 52 21.54 12.47 -6.51
CA TYR F 52 22.51 12.88 -5.52
C TYR F 52 23.55 11.77 -5.38
N VAL F 53 24.82 12.11 -5.48
CA VAL F 53 25.87 11.17 -5.13
C VAL F 53 26.34 11.45 -3.72
N ALA F 54 26.21 10.46 -2.83
CA ALA F 54 26.75 10.58 -1.47
C ALA F 54 28.12 9.88 -1.35
N ILE F 55 29.12 10.62 -0.88
CA ILE F 55 30.49 10.11 -0.79
C ILE F 55 30.96 9.87 0.65
N LYS F 56 31.43 8.65 0.93
CA LYS F 56 32.12 8.36 2.18
C LYS F 56 33.63 8.51 1.95
N PRO F 57 34.23 9.60 2.49
CA PRO F 57 35.64 9.93 2.30
C PRO F 57 36.60 9.02 3.09
N LYS F 58 37.86 8.99 2.69
CA LYS F 58 38.86 8.13 3.35
C LYS F 58 40.20 8.82 3.68
N VAL F 59 40.30 10.11 3.36
CA VAL F 59 41.29 10.99 3.98
C VAL F 59 40.67 11.62 5.24
N SER F 60 41.51 11.85 6.26
CA SER F 60 41.08 12.39 7.54
C SER F 60 40.34 13.74 7.46
N ASN F 61 40.84 14.63 6.58
CA ASN F 61 40.18 15.92 6.33
C ASN F 61 39.00 15.84 5.34
N PRO F 62 37.79 16.04 5.87
CA PRO F 62 36.63 15.94 5.00
C PRO F 62 36.15 17.28 4.45
N GLU F 63 35.96 18.25 5.33
CA GLU F 63 35.20 19.47 5.02
C GLU F 63 35.85 20.42 4.02
N ILE F 64 37.12 20.18 3.69
CA ILE F 64 37.83 21.03 2.73
C ILE F 64 37.17 21.17 1.35
N TYR F 65 36.26 20.26 1.00
CA TYR F 65 35.74 20.15 -0.38
C TYR F 65 34.53 21.02 -0.72
N VAL F 66 33.89 21.60 0.31
CA VAL F 66 32.67 22.41 0.13
C VAL F 66 32.81 23.47 -0.97
N GLY F 67 31.99 23.33 -2.01
CA GLY F 67 32.00 24.26 -3.14
C GLY F 67 33.04 23.94 -4.19
N GLU F 68 33.29 22.66 -4.42
CA GLU F 68 34.27 22.23 -5.41
C GLU F 68 33.73 21.20 -6.39
N VAL F 69 34.35 21.15 -7.58
CA VAL F 69 33.97 20.18 -8.61
C VAL F 69 34.77 18.88 -8.44
N LEU F 70 34.19 17.92 -7.74
CA LEU F 70 34.84 16.63 -7.49
C LEU F 70 34.58 15.64 -8.63
N TYR F 71 35.56 15.54 -9.54
CA TYR F 71 35.49 14.68 -10.73
C TYR F 71 35.48 13.20 -10.35
N VAL F 72 34.83 12.39 -11.21
CA VAL F 72 34.62 10.99 -10.89
C VAL F 72 35.48 10.08 -11.74
N ASP F 73 36.58 9.64 -11.14
CA ASP F 73 37.50 8.71 -11.80
C ASP F 73 36.74 7.42 -12.12
N GLU F 74 37.13 6.83 -13.24
CA GLU F 74 36.50 5.60 -13.76
C GLU F 74 36.76 4.42 -12.80
ZN ZN G . -8.86 20.62 11.07
#